data_4L1N
#
_entry.id   4L1N
#
_cell.length_a   146.870
_cell.length_b   146.870
_cell.length_c   125.970
_cell.angle_alpha   90.000
_cell.angle_beta   90.000
_cell.angle_gamma   120.000
#
_symmetry.space_group_name_H-M   'H 3 2'
#
loop_
_entity.id
_entity.type
_entity.pdbx_description
1 polymer 'Conserved lipoprotein, putative'
2 water water
#
_entity_poly.entity_id   1
_entity_poly.type   'polypeptide(L)'
_entity_poly.pdbx_seq_one_letter_code
;GEVNKKDVKIETNTNKKDSEKENVNNTQENVSVEKQSAKKAKVKEDNSKK(MSE)FLKKELGKNSKPTFATKWKNSSNNK
FSACIEGKGENALEEGVGKIYIKNLKEQSKWELDLDQDQQKNTPKYIDWFDDNNL(MSE)VVISRAHGTVSQGGILYKVN
IETGQATELYNTKDNKKQVVYAVKKGDKIDVQILVYEDDDLLESHEETKTITVK
;
_entity_poly.pdbx_strand_id   A
#
# COMPACT_ATOMS: atom_id res chain seq x y z
N ASP A 46 -21.42 -3.44 2.09
CA ASP A 46 -20.26 -2.74 1.56
C ASP A 46 -19.57 -3.54 0.43
N ASN A 47 -18.85 -2.84 -0.48
CA ASN A 47 -18.11 -3.45 -1.59
C ASN A 47 -16.64 -3.68 -1.17
N SER A 48 -16.44 -4.24 0.05
CA SER A 48 -15.13 -4.51 0.63
C SER A 48 -14.88 -6.00 0.88
N LYS A 49 -13.59 -6.38 0.93
CA LYS A 49 -13.10 -7.74 1.16
C LYS A 49 -11.98 -7.73 2.18
N LYS A 50 -11.98 -8.73 3.07
CA LYS A 50 -10.93 -8.91 4.08
C LYS A 50 -9.66 -9.41 3.38
N PHE A 52 -6.48 -8.25 4.24
CA PHE A 52 -5.41 -8.21 5.23
C PHE A 52 -5.82 -8.84 6.55
N LEU A 53 -4.84 -9.46 7.21
CA LEU A 53 -4.98 -10.12 8.49
C LEU A 53 -4.29 -9.27 9.54
N LYS A 54 -4.98 -8.94 10.64
CA LYS A 54 -4.37 -8.15 11.70
C LYS A 54 -3.60 -9.11 12.63
N LYS A 55 -2.28 -8.92 12.78
CA LYS A 55 -1.47 -9.75 13.65
C LYS A 55 -0.80 -8.86 14.68
N GLU A 56 -1.20 -8.98 15.96
CA GLU A 56 -0.66 -8.16 17.04
C GLU A 56 0.83 -8.46 17.23
N LEU A 57 1.61 -7.47 17.64
CA LEU A 57 3.04 -7.63 17.82
C LEU A 57 3.48 -7.27 19.22
N GLY A 58 4.55 -7.91 19.68
CA GLY A 58 5.13 -7.65 20.99
C GLY A 58 5.63 -6.23 21.10
N LYS A 59 5.65 -5.67 22.32
CA LYS A 59 6.11 -4.28 22.54
C LYS A 59 7.61 -4.11 22.20
N ASN A 60 8.41 -5.20 22.35
CA ASN A 60 9.84 -5.22 22.05
C ASN A 60 10.10 -5.19 20.53
N SER A 61 9.19 -5.76 19.72
CA SER A 61 9.28 -5.83 18.26
C SER A 61 9.35 -4.43 17.63
N LYS A 62 10.06 -4.32 16.49
CA LYS A 62 10.31 -3.12 15.69
C LYS A 62 10.78 -3.51 14.28
N PRO A 63 10.38 -2.81 13.19
CA PRO A 63 10.87 -3.18 11.84
C PRO A 63 12.39 -3.06 11.71
N THR A 64 13.02 -3.89 10.83
CA THR A 64 14.48 -3.94 10.65
C THR A 64 14.92 -3.67 9.21
N PHE A 65 13.96 -3.64 8.26
CA PHE A 65 14.20 -3.45 6.83
C PHE A 65 12.92 -2.88 6.19
N ALA A 66 12.48 -1.70 6.72
CA ALA A 66 11.23 -1.04 6.34
C ALA A 66 11.39 0.37 5.73
N THR A 67 10.27 0.88 5.14
CA THR A 67 10.16 2.25 4.63
C THR A 67 10.02 3.18 5.85
N LYS A 68 10.20 4.50 5.69
CA LYS A 68 10.10 5.45 6.81
C LYS A 68 8.66 5.51 7.34
N TRP A 69 8.51 5.75 8.66
CA TRP A 69 7.22 5.83 9.33
C TRP A 69 6.43 7.07 8.91
N LYS A 70 5.33 6.88 8.18
CA LYS A 70 4.44 7.97 7.78
C LYS A 70 3.37 8.08 8.86
N ASN A 71 3.34 9.22 9.54
CA ASN A 71 2.38 9.47 10.60
C ASN A 71 1.00 9.79 10.06
N SER A 72 -0.04 9.49 10.84
CA SER A 72 -1.42 9.82 10.53
C SER A 72 -1.59 11.35 10.64
N SER A 73 -2.61 11.95 10.00
CA SER A 73 -2.80 13.41 10.08
C SER A 73 -2.99 13.89 11.54
N ASN A 74 -3.78 13.14 12.36
CA ASN A 74 -4.06 13.44 13.77
C ASN A 74 -2.88 13.03 14.70
N ASN A 75 -1.80 12.45 14.11
CA ASN A 75 -0.58 11.98 14.79
C ASN A 75 -0.89 10.91 15.86
N LYS A 76 -2.04 10.20 15.74
CA LYS A 76 -2.45 9.13 16.66
C LYS A 76 -1.81 7.81 16.23
N PHE A 77 -1.63 7.63 14.93
CA PHE A 77 -1.07 6.43 14.34
C PHE A 77 0.13 6.72 13.45
N SER A 78 0.86 5.65 13.10
CA SER A 78 2.00 5.65 12.21
C SER A 78 2.06 4.30 11.50
N ALA A 79 2.49 4.31 10.23
CA ALA A 79 2.57 3.12 9.40
C ALA A 79 3.83 3.12 8.51
N CYS A 80 4.26 1.92 8.05
CA CYS A 80 5.40 1.67 7.15
C CYS A 80 5.25 0.26 6.53
N ILE A 81 6.12 -0.07 5.55
CA ILE A 81 6.16 -1.40 4.92
C ILE A 81 7.47 -2.05 5.31
N GLU A 82 7.41 -3.13 6.12
CA GLU A 82 8.56 -3.90 6.58
C GLU A 82 8.85 -5.07 5.62
N GLY A 83 10.13 -5.29 5.32
CA GLY A 83 10.59 -6.42 4.51
C GLY A 83 11.10 -6.15 3.12
N LYS A 84 11.04 -4.89 2.66
CA LYS A 84 11.46 -4.56 1.29
C LYS A 84 12.46 -3.38 1.19
N GLY A 85 13.06 -3.00 2.30
CA GLY A 85 14.03 -1.90 2.28
C GLY A 85 13.40 -0.53 2.39
N GLU A 86 14.24 0.51 2.47
CA GLU A 86 13.89 1.94 2.65
C GLU A 86 12.90 2.50 1.60
N ASN A 87 12.89 1.95 0.38
CA ASN A 87 12.01 2.47 -0.67
C ASN A 87 11.08 1.38 -1.27
N ALA A 88 10.96 0.25 -0.54
CA ALA A 88 10.16 -0.93 -0.90
C ALA A 88 10.53 -1.46 -2.30
N LEU A 89 11.83 -1.41 -2.68
CA LEU A 89 12.28 -1.85 -4.01
C LEU A 89 12.81 -3.28 -4.00
N GLU A 90 13.09 -3.83 -2.81
CA GLU A 90 13.59 -5.18 -2.65
C GLU A 90 12.49 -6.20 -2.84
N GLU A 91 12.82 -7.34 -3.45
CA GLU A 91 11.90 -8.45 -3.73
C GLU A 91 11.37 -9.06 -2.44
N GLY A 92 10.17 -9.62 -2.53
CA GLY A 92 9.54 -10.28 -1.38
C GLY A 92 8.18 -9.71 -1.04
N VAL A 93 7.47 -10.38 -0.10
CA VAL A 93 6.16 -9.98 0.40
C VAL A 93 6.39 -9.10 1.63
N GLY A 94 6.11 -7.81 1.49
CA GLY A 94 6.22 -6.85 2.57
C GLY A 94 4.99 -6.94 3.47
N LYS A 95 5.10 -6.42 4.69
CA LYS A 95 4.01 -6.38 5.67
C LYS A 95 3.73 -4.92 6.06
N ILE A 96 2.45 -4.49 6.17
CA ILE A 96 2.14 -3.13 6.62
C ILE A 96 2.19 -3.12 8.16
N TYR A 97 3.14 -2.38 8.73
CA TYR A 97 3.34 -2.25 10.18
C TYR A 97 2.63 -1.00 10.67
N ILE A 98 1.71 -1.13 11.66
CA ILE A 98 0.96 0.00 12.22
C ILE A 98 1.30 0.14 13.72
N LYS A 99 1.30 1.40 14.19
CA LYS A 99 1.65 1.78 15.55
C LYS A 99 0.63 2.76 16.11
N ASN A 100 0.02 2.44 17.26
CA ASN A 100 -0.87 3.38 17.97
C ASN A 100 0.05 4.17 18.86
N LEU A 101 0.41 5.38 18.42
CA LEU A 101 1.38 6.25 19.09
C LEU A 101 0.95 6.64 20.49
N LYS A 102 -0.36 6.74 20.74
CA LYS A 102 -0.90 7.07 22.06
C LYS A 102 -0.75 5.89 23.03
N GLU A 103 -1.41 4.76 22.72
CA GLU A 103 -1.46 3.52 23.53
C GLU A 103 -0.14 2.74 23.50
N GLN A 104 0.80 3.10 22.60
CA GLN A 104 2.09 2.45 22.38
C GLN A 104 1.91 0.98 21.87
N SER A 105 0.76 0.70 21.19
CA SER A 105 0.42 -0.61 20.63
C SER A 105 1.05 -0.76 19.27
N LYS A 106 1.35 -2.00 18.87
CA LYS A 106 1.95 -2.34 17.59
C LYS A 106 1.27 -3.57 17.00
N TRP A 107 0.97 -3.54 15.71
CA TRP A 107 0.40 -4.66 14.98
C TRP A 107 0.84 -4.59 13.52
N GLU A 108 0.55 -5.65 12.74
CA GLU A 108 0.89 -5.74 11.34
C GLU A 108 -0.33 -6.21 10.55
N LEU A 109 -0.43 -5.72 9.31
CA LEU A 109 -1.46 -6.11 8.35
C LEU A 109 -0.80 -6.95 7.29
N ASP A 110 -1.20 -8.21 7.22
CA ASP A 110 -0.62 -9.16 6.28
C ASP A 110 -1.58 -9.53 5.21
N LEU A 111 -1.08 -9.60 3.99
CA LEU A 111 -1.86 -10.01 2.85
C LEU A 111 -2.22 -11.48 2.97
N ASP A 112 -3.53 -11.77 3.08
CA ASP A 112 -4.11 -13.12 3.13
C ASP A 112 -4.02 -13.67 1.71
N GLN A 113 -3.08 -14.60 1.50
CA GLN A 113 -2.80 -15.22 0.21
C GLN A 113 -2.13 -16.57 0.41
N ASP A 114 -2.49 -17.54 -0.44
CA ASP A 114 -2.02 -18.93 -0.36
C ASP A 114 -0.57 -19.07 -0.83
N GLN A 115 -0.19 -18.26 -1.82
CA GLN A 115 1.16 -18.20 -2.38
C GLN A 115 1.72 -16.82 -2.11
N GLN A 116 3.05 -16.68 -2.02
CA GLN A 116 3.75 -15.41 -1.77
C GLN A 116 3.92 -14.64 -3.09
N LYS A 117 2.81 -14.30 -3.80
CA LYS A 117 2.94 -13.63 -5.10
C LYS A 117 2.75 -12.09 -5.07
N ASN A 118 1.89 -11.55 -4.17
CA ASN A 118 1.60 -10.11 -4.11
C ASN A 118 2.08 -9.48 -2.84
N THR A 119 2.24 -8.14 -2.87
CA THR A 119 2.77 -7.38 -1.74
C THR A 119 2.26 -5.94 -1.62
N PRO A 120 2.14 -5.33 -0.41
CA PRO A 120 1.93 -3.88 -0.36
C PRO A 120 3.20 -3.24 -0.96
N LYS A 121 3.06 -2.30 -1.91
CA LYS A 121 4.21 -1.67 -2.55
C LYS A 121 4.36 -0.20 -2.14
N TYR A 122 3.23 0.53 -1.98
CA TYR A 122 3.19 1.95 -1.59
C TYR A 122 1.99 2.16 -0.67
N ILE A 123 2.22 2.90 0.43
CA ILE A 123 1.17 3.22 1.38
C ILE A 123 1.26 4.70 1.76
N ASP A 124 0.08 5.29 1.98
CA ASP A 124 -0.12 6.64 2.48
C ASP A 124 -1.49 6.73 3.12
N TRP A 125 -1.73 7.77 3.92
CA TRP A 125 -2.98 7.86 4.66
C TRP A 125 -4.14 8.40 3.82
N PHE A 126 -5.33 7.80 3.99
CA PHE A 126 -6.57 8.20 3.32
C PHE A 126 -7.36 9.11 4.26
N ASP A 127 -7.46 8.71 5.53
CA ASP A 127 -8.08 9.44 6.63
C ASP A 127 -7.42 8.93 7.94
N ASP A 128 -8.02 9.17 9.11
CA ASP A 128 -7.37 8.79 10.38
C ASP A 128 -7.54 7.31 10.72
N ASN A 129 -8.29 6.55 9.91
CA ASN A 129 -8.53 5.13 10.17
C ASN A 129 -8.20 4.23 9.00
N ASN A 130 -7.92 4.81 7.83
CA ASN A 130 -7.63 4.01 6.63
C ASN A 130 -6.37 4.47 5.91
N LEU A 131 -5.76 3.54 5.18
CA LEU A 131 -4.60 3.77 4.32
C LEU A 131 -4.97 3.65 2.85
N VAL A 133 -3.36 1.88 -0.18
CA VAL A 133 -2.36 0.83 -0.37
C VAL A 133 -2.29 0.43 -1.86
N VAL A 134 -1.06 0.37 -2.40
CA VAL A 134 -0.81 -0.14 -3.74
C VAL A 134 -0.36 -1.59 -3.57
N ILE A 135 -1.05 -2.53 -4.23
CA ILE A 135 -0.71 -3.93 -4.20
C ILE A 135 -0.19 -4.32 -5.56
N SER A 136 1.10 -4.70 -5.59
CA SER A 136 1.89 -5.15 -6.74
C SER A 136 2.39 -6.58 -6.55
N ARG A 137 2.96 -7.21 -7.61
CA ARG A 137 3.57 -8.52 -7.55
C ARG A 137 4.81 -8.42 -6.68
N ALA A 138 5.07 -9.45 -5.85
CA ALA A 138 6.16 -9.47 -4.87
C ALA A 138 7.51 -9.63 -5.53
N HIS A 139 7.56 -10.33 -6.67
CA HIS A 139 8.81 -10.60 -7.36
C HIS A 139 8.78 -10.07 -8.82
N GLY A 140 9.95 -9.71 -9.35
CA GLY A 140 10.07 -9.19 -10.70
C GLY A 140 10.49 -7.74 -10.78
N THR A 141 10.94 -7.33 -11.98
CA THR A 141 11.49 -6.01 -12.35
C THR A 141 10.44 -5.06 -13.00
N VAL A 142 9.29 -5.62 -13.38
CA VAL A 142 8.23 -4.89 -14.07
C VAL A 142 7.13 -4.43 -13.08
N SER A 143 6.97 -5.18 -11.99
CA SER A 143 6.02 -5.04 -10.88
C SER A 143 6.28 -3.81 -9.96
N GLN A 144 6.26 -2.61 -10.52
CA GLN A 144 6.50 -1.36 -9.77
C GLN A 144 5.21 -0.83 -9.11
N GLY A 145 4.08 -1.22 -9.67
CA GLY A 145 2.77 -0.82 -9.16
C GLY A 145 1.70 -1.82 -9.44
N GLY A 146 0.46 -1.44 -9.20
CA GLY A 146 -0.69 -2.31 -9.41
C GLY A 146 -2.01 -1.64 -9.18
N ILE A 147 -2.77 -2.16 -8.21
CA ILE A 147 -4.11 -1.65 -7.89
C ILE A 147 -4.03 -0.86 -6.59
N LEU A 148 -4.74 0.30 -6.55
CA LEU A 148 -4.86 1.16 -5.38
C LEU A 148 -6.13 0.77 -4.62
N TYR A 149 -5.97 0.55 -3.30
CA TYR A 149 -7.03 0.17 -2.36
C TYR A 149 -7.08 1.13 -1.19
N LYS A 150 -8.28 1.18 -0.52
CA LYS A 150 -8.56 1.86 0.76
C LYS A 150 -8.57 0.78 1.79
N VAL A 151 -7.57 0.74 2.69
CA VAL A 151 -7.48 -0.35 3.67
C VAL A 151 -7.64 0.15 5.12
N ASN A 152 -8.62 -0.42 5.85
CA ASN A 152 -8.89 -0.13 7.26
C ASN A 152 -7.76 -0.70 8.12
N ILE A 153 -7.05 0.19 8.85
CA ILE A 153 -5.87 -0.16 9.65
C ILE A 153 -6.20 -1.13 10.78
N GLU A 154 -7.48 -1.25 11.14
CA GLU A 154 -7.91 -2.12 12.23
C GLU A 154 -8.48 -3.45 11.73
N THR A 155 -9.45 -3.42 10.80
CA THR A 155 -10.15 -4.62 10.33
C THR A 155 -9.45 -5.31 9.13
N GLY A 156 -8.62 -4.59 8.40
CA GLY A 156 -7.94 -5.15 7.25
C GLY A 156 -8.84 -5.27 6.04
N GLN A 157 -10.07 -4.71 6.16
CA GLN A 157 -11.12 -4.63 5.12
C GLN A 157 -10.64 -3.63 4.07
N ALA A 158 -10.61 -4.06 2.79
CA ALA A 158 -10.11 -3.23 1.69
C ALA A 158 -11.13 -3.04 0.58
N THR A 159 -11.22 -1.80 0.01
CA THR A 159 -12.11 -1.43 -1.12
C THR A 159 -11.21 -0.78 -2.19
N GLU A 160 -11.43 -1.08 -3.50
CA GLU A 160 -10.64 -0.50 -4.58
C GLU A 160 -10.85 0.97 -4.70
N LEU A 161 -9.78 1.72 -4.98
CA LEU A 161 -9.89 3.15 -5.22
C LEU A 161 -9.62 3.41 -6.69
N TYR A 162 -8.67 2.64 -7.25
CA TYR A 162 -8.26 2.76 -8.62
C TYR A 162 -7.68 1.45 -9.14
N ASN A 163 -8.43 0.78 -9.99
CA ASN A 163 -8.02 -0.42 -10.69
C ASN A 163 -8.16 -0.13 -12.18
N THR A 164 -7.04 -0.14 -12.94
CA THR A 164 -7.06 0.16 -14.38
C THR A 164 -7.62 -1.00 -15.23
N LYS A 165 -7.76 -2.21 -14.67
CA LYS A 165 -8.18 -3.45 -15.32
C LYS A 165 -7.26 -3.77 -16.56
N ASP A 166 -5.99 -3.30 -16.49
CA ASP A 166 -4.95 -3.50 -17.50
C ASP A 166 -3.60 -3.61 -16.78
N ASN A 167 -2.94 -4.74 -16.97
CA ASN A 167 -1.69 -5.06 -16.29
C ASN A 167 -0.49 -4.31 -16.87
N LYS A 168 -0.70 -3.59 -17.99
CA LYS A 168 0.28 -2.72 -18.63
C LYS A 168 0.17 -1.29 -18.07
N LYS A 169 -0.88 -1.01 -17.30
CA LYS A 169 -1.21 0.25 -16.64
C LYS A 169 -1.21 0.00 -15.12
N GLN A 170 -0.11 0.36 -14.44
CA GLN A 170 0.04 0.12 -13.01
C GLN A 170 0.00 1.40 -12.19
N VAL A 171 -0.84 1.45 -11.13
CA VAL A 171 -0.83 2.56 -10.16
C VAL A 171 0.46 2.42 -9.36
N VAL A 172 1.33 3.45 -9.38
CA VAL A 172 2.64 3.37 -8.69
C VAL A 172 2.56 4.05 -7.32
N TYR A 173 1.76 5.12 -7.17
CA TYR A 173 1.53 5.84 -5.91
C TYR A 173 0.32 6.79 -6.02
N ALA A 174 -0.04 7.46 -4.91
CA ALA A 174 -1.14 8.42 -4.80
C ALA A 174 -0.89 9.43 -3.68
N VAL A 175 -1.44 10.64 -3.89
CA VAL A 175 -1.37 11.80 -3.01
C VAL A 175 -2.81 12.28 -2.83
N LYS A 176 -3.26 12.40 -1.57
CA LYS A 176 -4.62 12.83 -1.28
C LYS A 176 -4.62 14.24 -0.66
N LYS A 177 -5.56 15.09 -1.09
CA LYS A 177 -5.79 16.43 -0.56
C LYS A 177 -7.30 16.63 -0.53
N GLY A 178 -7.88 16.40 0.64
CA GLY A 178 -9.31 16.54 0.85
C GLY A 178 -10.08 15.41 0.20
N ASP A 179 -11.05 15.78 -0.66
CA ASP A 179 -11.90 14.84 -1.38
C ASP A 179 -11.24 14.34 -2.67
N LYS A 180 -10.01 14.82 -3.00
CA LYS A 180 -9.33 14.46 -4.26
C LYS A 180 -8.07 13.63 -4.06
N ILE A 181 -7.83 12.66 -4.96
CA ILE A 181 -6.62 11.84 -4.96
C ILE A 181 -5.98 11.95 -6.34
N ASP A 182 -4.69 12.31 -6.39
CA ASP A 182 -3.86 12.32 -7.60
C ASP A 182 -3.23 10.94 -7.71
N VAL A 183 -3.60 10.15 -8.72
CA VAL A 183 -3.15 8.77 -8.89
C VAL A 183 -2.09 8.69 -10.00
N GLN A 184 -0.84 8.20 -9.68
CA GLN A 184 0.16 8.05 -10.74
C GLN A 184 0.07 6.69 -11.31
N ILE A 185 -0.04 6.63 -12.63
CA ILE A 185 -0.12 5.37 -13.35
C ILE A 185 1.10 5.27 -14.25
N LEU A 186 1.75 4.13 -14.28
CA LEU A 186 2.85 3.82 -15.21
C LEU A 186 2.27 2.96 -16.36
N VAL A 187 2.21 3.55 -17.56
CA VAL A 187 1.68 2.87 -18.74
C VAL A 187 2.80 2.33 -19.62
N TYR A 188 2.79 1.01 -19.88
CA TYR A 188 3.70 0.34 -20.80
C TYR A 188 2.99 0.32 -22.16
N GLU A 189 3.71 0.61 -23.24
CA GLU A 189 3.13 0.70 -24.58
C GLU A 189 2.70 -0.64 -25.14
N ASP A 190 3.46 -1.71 -24.84
CA ASP A 190 3.18 -3.06 -25.34
C ASP A 190 3.74 -4.13 -24.40
N ASP A 191 3.61 -5.40 -24.79
CA ASP A 191 3.98 -6.54 -23.97
C ASP A 191 5.48 -6.76 -23.84
N ASP A 192 6.30 -6.00 -24.59
CA ASP A 192 7.76 -6.08 -24.52
C ASP A 192 8.26 -5.38 -23.25
N LEU A 193 7.45 -4.47 -22.68
CA LEU A 193 7.70 -3.68 -21.46
C LEU A 193 9.05 -2.87 -21.52
N LEU A 194 9.41 -2.43 -22.74
CA LEU A 194 10.62 -1.69 -23.02
C LEU A 194 10.39 -0.18 -23.13
N GLU A 195 9.15 0.24 -23.30
CA GLU A 195 8.77 1.63 -23.42
C GLU A 195 7.58 1.87 -22.57
N SER A 196 7.64 2.95 -21.77
CA SER A 196 6.55 3.34 -20.90
C SER A 196 6.38 4.86 -20.88
N HIS A 197 5.27 5.32 -20.28
CA HIS A 197 5.00 6.72 -19.95
C HIS A 197 4.22 6.76 -18.61
N GLU A 198 4.15 7.93 -17.97
CA GLU A 198 3.41 8.12 -16.72
C GLU A 198 2.18 9.02 -16.95
N GLU A 199 1.15 8.84 -16.13
CA GLU A 199 -0.09 9.65 -16.13
C GLU A 199 -0.42 10.11 -14.73
N THR A 200 -1.12 11.24 -14.59
CA THR A 200 -1.68 11.71 -13.31
C THR A 200 -3.18 11.80 -13.48
N LYS A 201 -3.95 11.09 -12.66
CA LYS A 201 -5.41 11.10 -12.71
C LYS A 201 -5.92 11.53 -11.40
N THR A 202 -6.74 12.56 -11.39
CA THR A 202 -7.34 13.07 -10.17
C THR A 202 -8.71 12.42 -10.08
N ILE A 203 -8.96 11.69 -8.99
CA ILE A 203 -10.23 11.03 -8.70
C ILE A 203 -10.93 11.77 -7.54
N THR A 204 -12.27 11.80 -7.53
CA THR A 204 -13.04 12.41 -6.44
C THR A 204 -13.53 11.23 -5.55
N VAL A 205 -13.52 11.42 -4.22
CA VAL A 205 -13.92 10.36 -3.28
C VAL A 205 -14.99 10.83 -2.30
N LYS A 206 -15.64 9.85 -1.65
CA LYS A 206 -16.65 10.08 -0.59
C LYS A 206 -16.21 9.36 0.70
#